data_1GX1
#
_entry.id   1GX1
#
_cell.length_a   54.202
_cell.length_b   114.848
_cell.length_c   87.748
_cell.angle_alpha   90.00
_cell.angle_beta   90.00
_cell.angle_gamma   90.00
#
_symmetry.space_group_name_H-M   'P 21 21 2'
#
loop_
_entity.id
_entity.type
_entity.pdbx_description
1 polymer '2-C-METHYL-D-ERYTHRITOL 2,4-CYCLODIPHOSPHATE SYNTHASE'
2 non-polymer 'ZINC ION'
3 non-polymer "CYTIDINE-5'-DIPHOSPHATE"
4 non-polymer 'MANGANESE (II) ION'
5 non-polymer 'SULFATE ION'
6 water water
#
_entity_poly.entity_id   1
_entity_poly.type   'polypeptide(L)'
_entity_poly.pdbx_seq_one_letter_code
;E(MSE)RIGHGFDVHAFGGEGPIIIGGVRIPYEKGLLAHSDGDVALHALTDALLGAAALGDIGKLFPDTDPAFKGADSRE
LLREAWRRIQAKGYTLGNVDVTIIAQAPK(MSE)LPHIPQ(MSE)RVFIAEDLGCH(MSE)DDVNVKATTTEKLGFTGRG
EGIACEAVALLIKATK
;
_entity_poly.pdbx_strand_id   A,B,C
#
loop_
_chem_comp.id
_chem_comp.type
_chem_comp.name
_chem_comp.formula
CDP non-polymer CYTIDINE-5'-DIPHOSPHATE 'C9 H15 N3 O11 P2'
MN non-polymer 'MANGANESE (II) ION' 'Mn 2'
SO4 non-polymer 'SULFATE ION' 'O4 S -2'
ZN non-polymer 'ZINC ION' 'Zn 2'
#
# COMPACT_ATOMS: atom_id res chain seq x y z
N GLU A 1 11.50 17.39 11.02
CA GLU A 1 10.58 16.21 11.05
C GLU A 1 10.08 15.83 9.63
N MSE A 2 10.17 14.54 9.28
CA MSE A 2 9.46 14.04 8.10
C MSE A 2 8.43 13.01 8.54
O MSE A 2 8.63 12.28 9.52
CB MSE A 2 10.41 13.46 7.09
CG MSE A 2 11.22 14.58 6.45
SE MSE A 2 12.17 13.91 4.95
CE MSE A 2 11.46 15.14 3.61
N ARG A 3 7.32 12.95 7.81
CA ARG A 3 6.20 12.12 8.21
C ARG A 3 5.59 11.40 7.02
N ILE A 4 5.15 10.16 7.22
CA ILE A 4 4.60 9.39 6.09
C ILE A 4 3.13 9.17 6.23
N GLY A 5 2.44 8.99 5.08
CA GLY A 5 1.04 8.68 5.09
C GLY A 5 0.68 7.80 3.94
N HIS A 6 -0.45 7.12 4.06
CA HIS A 6 -0.83 6.16 3.02
C HIS A 6 -2.33 6.29 2.87
N GLY A 7 -2.82 6.07 1.67
CA GLY A 7 -4.23 6.11 1.42
C GLY A 7 -4.64 5.05 0.42
N PHE A 8 -5.90 4.64 0.50
CA PHE A 8 -6.41 3.63 -0.42
C PHE A 8 -7.87 3.95 -0.66
N ASP A 9 -8.32 3.83 -1.90
CA ASP A 9 -9.74 4.02 -2.20
C ASP A 9 -10.17 3.15 -3.36
N VAL A 10 -11.49 2.95 -3.42
CA VAL A 10 -12.12 2.18 -4.47
C VAL A 10 -13.48 2.85 -4.83
N HIS A 11 -13.81 2.90 -6.11
CA HIS A 11 -15.15 3.26 -6.53
C HIS A 11 -15.59 2.30 -7.65
N ALA A 12 -16.90 2.04 -7.67
CA ALA A 12 -17.46 1.14 -8.65
C ALA A 12 -17.90 1.83 -9.92
N PHE A 13 -17.81 1.12 -11.05
CA PHE A 13 -18.28 1.67 -12.30
C PHE A 13 -19.82 1.66 -12.30
N GLY A 14 -20.42 2.66 -12.96
CA GLY A 14 -21.86 2.72 -13.13
C GLY A 14 -22.19 4.05 -13.81
N GLY A 15 -23.37 4.15 -14.45
CA GLY A 15 -23.71 5.39 -15.16
C GLY A 15 -22.91 5.64 -16.43
N GLU A 16 -22.95 6.87 -16.92
CA GLU A 16 -22.29 7.15 -18.17
C GLU A 16 -20.92 7.75 -17.89
N GLY A 17 -19.99 7.59 -18.83
CA GLY A 17 -18.70 8.22 -18.72
C GLY A 17 -18.85 9.71 -18.95
N PRO A 18 -17.76 10.46 -18.88
CA PRO A 18 -16.41 9.94 -18.60
C PRO A 18 -16.17 9.64 -17.12
N ILE A 19 -15.02 9.07 -16.84
CA ILE A 19 -14.68 8.91 -15.44
C ILE A 19 -13.76 10.08 -15.13
N ILE A 20 -13.65 10.40 -13.86
CA ILE A 20 -12.78 11.50 -13.45
C ILE A 20 -11.72 10.94 -12.52
N ILE A 21 -10.45 11.04 -12.93
CA ILE A 21 -9.36 10.43 -12.17
C ILE A 21 -8.23 11.44 -12.11
N GLY A 22 -7.82 11.76 -10.90
CA GLY A 22 -6.70 12.68 -10.71
C GLY A 22 -7.11 14.03 -11.27
N GLY A 23 -8.40 14.31 -11.24
CA GLY A 23 -8.93 15.54 -11.82
C GLY A 23 -9.11 15.60 -13.33
N VAL A 24 -8.79 14.53 -14.04
CA VAL A 24 -8.84 14.53 -15.47
C VAL A 24 -10.04 13.74 -15.96
N ARG A 25 -10.81 14.29 -16.89
CA ARG A 25 -11.89 13.51 -17.51
C ARG A 25 -11.36 12.51 -18.55
N ILE A 26 -11.65 11.24 -18.34
CA ILE A 26 -11.23 10.20 -19.24
C ILE A 26 -12.43 9.49 -19.88
N PRO A 27 -12.49 9.49 -21.21
CA PRO A 27 -13.59 8.80 -21.90
C PRO A 27 -13.64 7.34 -21.56
N TYR A 28 -14.87 6.88 -21.36
CA TYR A 28 -15.04 5.48 -21.02
C TYR A 28 -16.51 5.13 -21.15
N GLU A 29 -16.81 3.87 -21.43
CA GLU A 29 -18.22 3.46 -21.55
C GLU A 29 -19.05 3.53 -20.26
N LYS A 30 -18.40 3.61 -19.10
CA LYS A 30 -19.13 3.73 -17.84
C LYS A 30 -18.48 4.86 -17.06
N GLY A 31 -19.20 5.42 -16.11
CA GLY A 31 -18.68 6.40 -15.19
C GLY A 31 -18.33 5.68 -13.88
N LEU A 32 -17.98 6.44 -12.85
CA LEU A 32 -17.71 5.92 -11.52
C LEU A 32 -18.84 6.38 -10.57
N LEU A 33 -19.49 5.44 -9.89
CA LEU A 33 -20.59 5.78 -8.98
C LEU A 33 -20.09 6.42 -7.71
N ALA A 34 -20.73 7.48 -7.28
CA ALA A 34 -20.36 8.07 -6.02
C ALA A 34 -21.30 9.20 -5.67
N HIS A 35 -21.33 9.52 -4.40
CA HIS A 35 -22.07 10.65 -3.89
C HIS A 35 -21.28 11.83 -4.41
N SER A 36 -20.01 11.55 -4.73
CA SER A 36 -19.05 12.55 -5.25
C SER A 36 -18.74 12.38 -6.73
N ASP A 37 -17.65 12.99 -7.18
CA ASP A 37 -17.26 12.78 -8.56
C ASP A 37 -16.60 11.41 -8.65
N GLY A 38 -16.40 10.79 -7.50
CA GLY A 38 -15.83 9.42 -7.46
C GLY A 38 -14.36 9.35 -7.89
N ASP A 39 -13.60 10.42 -7.67
CA ASP A 39 -12.20 10.47 -8.11
C ASP A 39 -11.32 9.67 -7.13
N VAL A 40 -11.10 8.39 -7.43
CA VAL A 40 -10.43 7.53 -6.50
C VAL A 40 -9.03 7.97 -6.25
N ALA A 41 -8.38 8.49 -7.29
CA ALA A 41 -6.99 8.89 -7.13
C ALA A 41 -6.88 10.05 -6.14
N LEU A 42 -7.71 11.08 -6.33
CA LEU A 42 -7.65 12.17 -5.39
C LEU A 42 -8.08 11.85 -4.00
N HIS A 43 -9.07 10.99 -3.83
CA HIS A 43 -9.43 10.51 -2.50
C HIS A 43 -8.29 9.79 -1.79
N ALA A 44 -7.63 8.87 -2.50
CA ALA A 44 -6.54 8.14 -1.87
C ALA A 44 -5.43 9.12 -1.51
N LEU A 45 -5.12 10.02 -2.43
CA LEU A 45 -4.05 11.00 -2.12
C LEU A 45 -4.41 11.90 -0.93
N THR A 46 -5.66 12.35 -0.90
CA THR A 46 -6.11 13.19 0.20
C THR A 46 -5.97 12.42 1.49
N ASP A 47 -6.35 11.14 1.46
CA ASP A 47 -6.17 10.33 2.68
C ASP A 47 -4.67 10.15 3.08
N ALA A 48 -3.78 9.98 2.10
CA ALA A 48 -2.34 9.84 2.44
C ALA A 48 -1.85 11.12 3.09
N LEU A 49 -2.29 12.26 2.58
CA LEU A 49 -1.79 13.53 3.13
C LEU A 49 -2.37 13.76 4.53
N LEU A 50 -3.68 13.55 4.67
CA LEU A 50 -4.27 13.68 5.99
C LEU A 50 -3.65 12.67 6.93
N GLY A 51 -3.35 11.48 6.42
CA GLY A 51 -2.73 10.47 7.27
C GLY A 51 -1.36 10.86 7.80
N ALA A 52 -0.53 11.42 6.94
CA ALA A 52 0.79 11.86 7.33
C ALA A 52 0.68 12.96 8.38
N ALA A 53 -0.39 13.74 8.32
CA ALA A 53 -0.53 14.86 9.24
C ALA A 53 -1.31 14.47 10.48
N ALA A 54 -1.63 13.19 10.58
CA ALA A 54 -2.47 12.67 11.67
C ALA A 54 -3.80 13.44 11.85
N LEU A 55 -4.45 13.79 10.75
CA LEU A 55 -5.75 14.48 10.76
C LEU A 55 -6.92 13.53 10.44
N GLY A 56 -6.65 12.22 10.32
CA GLY A 56 -7.72 11.25 10.15
C GLY A 56 -7.92 10.79 8.71
N ASP A 57 -9.10 11.07 8.15
CA ASP A 57 -9.38 10.65 6.79
C ASP A 57 -10.44 11.56 6.15
N ILE A 58 -10.68 11.45 4.84
CA ILE A 58 -11.65 12.35 4.20
C ILE A 58 -13.06 12.26 4.81
N GLY A 59 -13.40 11.08 5.32
CA GLY A 59 -14.70 10.89 5.94
C GLY A 59 -14.79 11.60 7.28
N LYS A 60 -13.69 11.71 8.00
CA LYS A 60 -13.76 12.45 9.24
C LYS A 60 -13.91 13.97 8.96
N LEU A 61 -13.19 14.46 7.95
CA LEU A 61 -13.22 15.88 7.64
C LEU A 61 -14.44 16.27 6.84
N PHE A 62 -14.82 15.43 5.88
CA PHE A 62 -15.90 15.75 4.97
C PHE A 62 -16.99 14.68 4.93
N PRO A 63 -17.70 14.49 6.05
CA PRO A 63 -18.73 13.44 6.15
C PRO A 63 -19.77 13.57 5.05
N ASP A 64 -20.13 12.44 4.44
CA ASP A 64 -21.08 12.40 3.33
C ASP A 64 -22.40 12.94 3.82
N THR A 65 -22.49 13.06 5.14
CA THR A 65 -23.65 13.51 5.88
C THR A 65 -23.82 15.02 5.89
N ASP A 66 -22.70 15.74 6.03
CA ASP A 66 -22.73 17.19 6.17
C ASP A 66 -23.00 17.94 4.88
N PRO A 67 -24.03 18.76 4.91
CA PRO A 67 -24.45 19.53 3.73
C PRO A 67 -23.41 20.54 3.27
N ALA A 68 -22.51 20.97 4.16
CA ALA A 68 -21.51 21.97 3.73
C ALA A 68 -20.68 21.50 2.53
N PHE A 69 -20.49 20.19 2.42
CA PHE A 69 -19.65 19.61 1.39
C PHE A 69 -20.44 18.99 0.24
N LYS A 70 -21.75 19.26 0.23
CA LYS A 70 -22.55 18.70 -0.84
C LYS A 70 -22.04 19.29 -2.13
N GLY A 71 -21.82 18.42 -3.13
CA GLY A 71 -21.40 18.83 -4.45
C GLY A 71 -19.96 19.29 -4.61
N ALA A 72 -19.18 19.27 -3.53
CA ALA A 72 -17.76 19.65 -3.63
C ALA A 72 -17.03 18.69 -4.56
N ASP A 73 -16.14 19.17 -5.41
CA ASP A 73 -15.43 18.22 -6.24
C ASP A 73 -14.16 17.74 -5.53
N SER A 74 -13.55 16.68 -6.05
CA SER A 74 -12.41 16.13 -5.35
C SER A 74 -11.22 17.09 -5.30
N ARG A 75 -11.06 17.95 -6.31
CA ARG A 75 -9.95 18.91 -6.18
C ARG A 75 -10.22 19.94 -5.07
N GLU A 76 -11.48 20.35 -4.91
CA GLU A 76 -11.81 21.26 -3.83
C GLU A 76 -11.54 20.60 -2.48
N LEU A 77 -11.85 19.30 -2.35
CA LEU A 77 -11.57 18.62 -1.11
C LEU A 77 -10.05 18.49 -0.87
N LEU A 78 -9.31 18.16 -1.93
CA LEU A 78 -7.84 18.02 -1.78
C LEU A 78 -7.27 19.38 -1.33
N ARG A 79 -7.76 20.44 -1.95
CA ARG A 79 -7.19 21.76 -1.58
C ARG A 79 -7.51 22.16 -0.17
N GLU A 80 -8.72 21.84 0.28
CA GLU A 80 -9.09 22.21 1.65
C GLU A 80 -8.33 21.38 2.68
N ALA A 81 -8.19 20.08 2.40
CA ALA A 81 -7.39 19.25 3.26
C ALA A 81 -6.00 19.83 3.35
N TRP A 82 -5.46 20.23 2.19
CA TRP A 82 -4.09 20.76 2.14
C TRP A 82 -3.98 22.05 2.95
N ARG A 83 -4.99 22.89 2.83
CA ARG A 83 -5.04 24.10 3.64
C ARG A 83 -4.93 23.76 5.15
N ARG A 84 -5.69 22.76 5.60
CA ARG A 84 -5.63 22.33 7.02
C ARG A 84 -4.29 21.76 7.45
N ILE A 85 -3.68 20.98 6.56
CA ILE A 85 -2.37 20.41 6.81
C ILE A 85 -1.29 21.49 6.93
N GLN A 86 -1.31 22.46 6.04
CA GLN A 86 -0.30 23.50 6.10
C GLN A 86 -0.49 24.34 7.39
N ALA A 87 -1.73 24.53 7.80
CA ALA A 87 -2.02 25.26 9.03
C ALA A 87 -1.44 24.52 10.24
N LYS A 88 -1.21 23.23 10.08
CA LYS A 88 -0.55 22.47 11.15
C LYS A 88 0.99 22.53 11.07
N GLY A 89 1.53 23.27 10.11
CA GLY A 89 2.98 23.50 9.98
C GLY A 89 3.75 22.65 8.97
N TYR A 90 3.02 21.85 8.22
CA TYR A 90 3.64 20.92 7.27
C TYR A 90 3.83 21.52 5.92
N THR A 91 4.89 21.08 5.24
CA THR A 91 5.04 21.40 3.82
C THR A 91 5.21 20.08 3.08
N LEU A 92 5.12 20.11 1.77
CA LEU A 92 5.13 18.87 1.00
C LEU A 92 6.54 18.34 0.75
N GLY A 93 6.71 17.02 0.88
CA GLY A 93 7.98 16.40 0.52
C GLY A 93 7.81 15.91 -0.91
N ASN A 94 7.09 14.79 -1.06
CA ASN A 94 6.66 14.29 -2.37
C ASN A 94 5.45 13.35 -2.22
N VAL A 95 4.79 13.02 -3.33
CA VAL A 95 3.66 12.09 -3.26
C VAL A 95 3.79 11.13 -4.42
N ASP A 96 3.22 9.92 -4.28
CA ASP A 96 3.28 8.90 -5.33
C ASP A 96 1.93 8.20 -5.30
N VAL A 97 1.32 8.01 -6.46
CA VAL A 97 -0.05 7.47 -6.53
C VAL A 97 -0.01 6.32 -7.50
N THR A 98 -0.75 5.24 -7.18
CA THR A 98 -0.82 4.12 -8.06
C THR A 98 -2.28 3.79 -8.37
N ILE A 99 -2.70 3.98 -9.60
CA ILE A 99 -4.05 3.69 -10.01
C ILE A 99 -4.11 2.22 -10.44
N ILE A 100 -5.12 1.49 -9.96
CA ILE A 100 -5.24 0.07 -10.25
C ILE A 100 -6.54 -0.11 -11.03
N ALA A 101 -6.36 -0.37 -12.32
CA ALA A 101 -7.51 -0.44 -13.27
C ALA A 101 -7.21 -1.27 -14.47
N GLN A 102 -8.21 -2.06 -14.91
CA GLN A 102 -7.99 -2.89 -16.07
C GLN A 102 -8.04 -1.96 -17.31
N ALA A 103 -8.88 -0.93 -17.21
CA ALA A 103 -9.15 0.04 -18.30
C ALA A 103 -9.96 1.17 -17.66
N PRO A 104 -9.99 2.37 -18.25
CA PRO A 104 -9.32 2.71 -19.50
C PRO A 104 -7.79 2.83 -19.30
N LYS A 105 -7.05 3.11 -20.35
CA LYS A 105 -5.62 3.28 -20.28
C LYS A 105 -5.34 4.65 -19.61
N MSE A 106 -4.53 4.66 -18.53
CA MSE A 106 -4.31 5.91 -17.83
C MSE A 106 -3.10 6.73 -18.40
O MSE A 106 -3.06 7.95 -18.26
CB MSE A 106 -4.03 5.64 -16.36
CG MSE A 106 -5.11 4.86 -15.63
SE MSE A 106 -6.71 5.96 -15.55
CE MSE A 106 -8.01 4.46 -15.17
N LEU A 107 -2.12 6.02 -18.94
CA LEU A 107 -0.84 6.64 -19.28
C LEU A 107 -0.95 7.97 -20.05
N PRO A 108 -1.79 8.03 -21.09
CA PRO A 108 -1.92 9.28 -21.86
C PRO A 108 -2.40 10.43 -21.01
N HIS A 109 -3.11 10.14 -19.91
CA HIS A 109 -3.72 11.15 -19.04
C HIS A 109 -2.95 11.51 -17.81
N ILE A 110 -1.93 10.75 -17.53
CA ILE A 110 -1.19 10.97 -16.30
C ILE A 110 -0.46 12.31 -16.15
N PRO A 111 0.17 12.77 -17.21
CA PRO A 111 0.90 14.07 -17.13
C PRO A 111 -0.06 15.17 -16.70
N GLN A 112 -1.29 15.18 -17.23
CA GLN A 112 -2.24 16.21 -16.81
C GLN A 112 -2.62 16.06 -15.31
N MSE A 113 -2.82 14.83 -14.86
CA MSE A 113 -3.08 14.62 -13.44
C MSE A 113 -1.97 15.18 -12.58
O MSE A 113 -2.23 15.78 -11.53
CB MSE A 113 -3.19 13.13 -13.15
CG MSE A 113 -4.34 12.50 -13.87
SE MSE A 113 -4.22 10.58 -13.31
CE MSE A 113 -5.30 9.84 -14.68
N ARG A 114 -0.73 14.99 -13.02
CA ARG A 114 0.40 15.49 -12.26
C ARG A 114 0.36 17.02 -12.12
N VAL A 115 0.11 17.69 -13.24
CA VAL A 115 -0.05 19.14 -13.21
C VAL A 115 -1.13 19.56 -12.23
N PHE A 116 -2.32 18.97 -12.32
CA PHE A 116 -3.40 19.37 -11.42
C PHE A 116 -3.05 19.17 -9.93
N ILE A 117 -2.44 18.02 -9.60
CA ILE A 117 -2.06 17.78 -8.24
C ILE A 117 -0.97 18.79 -7.79
N ALA A 118 0.00 19.05 -8.66
CA ALA A 118 1.05 20.00 -8.29
C ALA A 118 0.42 21.41 -8.03
N GLU A 119 -0.48 21.83 -8.89
CA GLU A 119 -1.20 23.10 -8.69
C GLU A 119 -1.92 23.12 -7.38
N ASP A 120 -2.69 22.06 -7.11
CA ASP A 120 -3.46 22.02 -5.89
C ASP A 120 -2.57 21.97 -4.62
N LEU A 121 -1.37 21.38 -4.67
CA LEU A 121 -0.54 21.29 -3.49
C LEU A 121 0.51 22.41 -3.49
N GLY A 122 0.45 23.28 -4.49
CA GLY A 122 1.48 24.33 -4.65
C GLY A 122 2.91 23.81 -4.68
N CYS A 123 3.16 22.68 -5.34
CA CYS A 123 4.53 22.16 -5.38
C CYS A 123 5.01 22.03 -6.83
N HIS A 124 6.24 21.57 -6.98
CA HIS A 124 6.79 21.34 -8.32
C HIS A 124 6.23 20.03 -8.84
N MSE A 125 6.01 19.97 -10.14
CA MSE A 125 5.53 18.75 -10.80
C MSE A 125 6.47 17.58 -10.47
O MSE A 125 6.01 16.43 -10.36
CB MSE A 125 5.55 18.98 -12.30
CG MSE A 125 4.27 18.65 -13.04
SE MSE A 125 4.89 18.52 -14.93
CE MSE A 125 3.81 16.95 -15.50
N ASP A 126 7.77 17.85 -10.31
CA ASP A 126 8.71 16.80 -9.96
C ASP A 126 8.53 16.18 -8.56
N ASP A 127 7.67 16.74 -7.70
CA ASP A 127 7.38 16.17 -6.41
C ASP A 127 6.14 15.29 -6.46
N VAL A 128 5.59 15.08 -7.65
CA VAL A 128 4.34 14.34 -7.78
C VAL A 128 4.52 13.21 -8.81
N ASN A 129 4.30 11.94 -8.43
CA ASN A 129 4.35 10.85 -9.44
C ASN A 129 3.00 10.14 -9.44
N VAL A 130 2.54 9.73 -10.62
CA VAL A 130 1.29 8.94 -10.72
C VAL A 130 1.61 7.80 -11.62
N LYS A 131 1.18 6.59 -11.26
CA LYS A 131 1.44 5.40 -12.07
C LYS A 131 0.12 4.64 -12.21
N ALA A 132 0.09 3.64 -13.09
CA ALA A 132 -1.09 2.74 -13.19
C ALA A 132 -0.63 1.31 -13.41
N THR A 133 -1.48 0.36 -13.00
CA THR A 133 -1.20 -1.06 -13.25
C THR A 133 -2.55 -1.75 -13.41
N THR A 134 -2.61 -2.78 -14.26
CA THR A 134 -3.77 -3.67 -14.24
C THR A 134 -3.51 -4.79 -13.23
N THR A 135 -4.54 -5.60 -12.97
CA THR A 135 -4.40 -6.84 -12.16
C THR A 135 -4.64 -8.05 -13.09
N GLU A 136 -4.36 -7.87 -14.36
CA GLU A 136 -4.35 -8.99 -15.30
C GLU A 136 -5.67 -9.77 -15.31
N LYS A 137 -6.76 -9.01 -15.36
CA LYS A 137 -8.14 -9.52 -15.41
C LYS A 137 -8.55 -10.25 -14.15
N LEU A 138 -7.74 -10.17 -13.08
CA LEU A 138 -8.13 -10.76 -11.80
C LEU A 138 -8.80 -9.75 -10.85
N GLY A 139 -9.62 -10.26 -9.93
CA GLY A 139 -10.28 -9.43 -8.90
C GLY A 139 -11.33 -8.46 -9.46
N PHE A 140 -11.90 -7.66 -8.56
CA PHE A 140 -12.96 -6.75 -9.06
C PHE A 140 -12.43 -5.74 -10.06
N THR A 141 -11.17 -5.34 -9.95
CA THR A 141 -10.67 -4.42 -10.95
C THR A 141 -10.49 -5.13 -12.25
N GLY A 142 -9.95 -6.33 -12.21
CA GLY A 142 -9.73 -7.10 -13.43
C GLY A 142 -10.99 -7.43 -14.20
N ARG A 143 -12.07 -7.65 -13.48
CA ARG A 143 -13.38 -7.92 -14.09
C ARG A 143 -14.09 -6.64 -14.55
N GLY A 144 -13.43 -5.49 -14.40
CA GLY A 144 -14.04 -4.27 -14.89
C GLY A 144 -15.20 -3.78 -14.03
N GLU A 145 -15.16 -4.10 -12.74
CA GLU A 145 -16.23 -3.69 -11.83
C GLU A 145 -15.98 -2.36 -11.14
N GLY A 146 -14.70 -1.97 -11.03
CA GLY A 146 -14.41 -0.72 -10.32
C GLY A 146 -12.93 -0.40 -10.51
N ILE A 147 -12.47 0.66 -9.86
CA ILE A 147 -11.10 1.10 -9.96
C ILE A 147 -10.64 1.36 -8.54
N ALA A 148 -9.39 1.01 -8.26
CA ALA A 148 -8.79 1.22 -6.92
C ALA A 148 -7.57 2.13 -7.10
N CYS A 149 -7.14 2.75 -6.00
CA CYS A 149 -5.98 3.61 -6.04
C CYS A 149 -5.32 3.55 -4.67
N GLU A 150 -3.98 3.50 -4.65
CA GLU A 150 -3.19 3.60 -3.42
C GLU A 150 -2.32 4.85 -3.54
N ALA A 151 -1.93 5.49 -2.45
CA ALA A 151 -1.08 6.67 -2.55
C ALA A 151 -0.26 6.68 -1.29
N VAL A 152 0.91 7.31 -1.39
CA VAL A 152 1.73 7.56 -0.22
C VAL A 152 2.15 9.03 -0.31
N ALA A 153 2.44 9.61 0.85
CA ALA A 153 2.92 10.97 0.88
C ALA A 153 3.97 11.13 1.98
N LEU A 154 4.91 12.02 1.70
CA LEU A 154 5.88 12.40 2.71
C LEU A 154 5.75 13.90 2.92
N LEU A 155 5.57 14.29 4.18
CA LEU A 155 5.46 15.71 4.54
C LEU A 155 6.66 16.07 5.37
N ILE A 156 6.93 17.37 5.43
CA ILE A 156 8.05 17.89 6.19
C ILE A 156 7.50 18.91 7.18
N LYS A 157 7.96 18.83 8.41
CA LYS A 157 7.53 19.77 9.44
C LYS A 157 8.72 20.60 9.87
N GLU B 1 19.17 9.07 10.31
CA GLU B 1 18.64 8.24 9.19
C GLU B 1 17.16 7.86 9.41
N MSE B 2 16.37 7.82 8.36
CA MSE B 2 15.00 7.35 8.46
C MSE B 2 14.78 6.12 7.58
O MSE B 2 15.50 5.93 6.58
CB MSE B 2 14.02 8.46 8.07
CG MSE B 2 14.27 9.72 8.84
SE MSE B 2 12.69 10.79 8.69
CE MSE B 2 13.31 12.39 9.71
N ARG B 3 13.83 5.26 7.99
CA ARG B 3 13.51 4.05 7.26
C ARG B 3 12.01 3.84 7.10
N ILE B 4 11.56 3.30 5.96
CA ILE B 4 10.15 3.11 5.73
C ILE B 4 9.80 1.63 5.73
N GLY B 5 8.57 1.32 6.14
CA GLY B 5 8.08 -0.06 6.08
C GLY B 5 6.60 -0.10 5.74
N HIS B 6 6.16 -1.28 5.31
CA HIS B 6 4.78 -1.39 4.86
C HIS B 6 4.29 -2.75 5.32
N GLY B 7 3.00 -2.88 5.61
CA GLY B 7 2.45 -4.14 6.04
C GLY B 7 1.04 -4.26 5.48
N PHE B 8 0.62 -5.49 5.30
CA PHE B 8 -0.72 -5.76 4.77
C PHE B 8 -1.22 -7.02 5.44
N ASP B 9 -2.50 -7.05 5.81
CA ASP B 9 -3.04 -8.28 6.43
C ASP B 9 -4.52 -8.42 6.06
N VAL B 10 -5.02 -9.65 6.12
CA VAL B 10 -6.42 -9.97 5.91
C VAL B 10 -6.84 -11.10 6.87
N HIS B 11 -8.00 -10.95 7.49
CA HIS B 11 -8.60 -12.10 8.18
C HIS B 11 -10.04 -12.25 7.73
N ALA B 12 -10.50 -13.48 7.76
CA ALA B 12 -11.84 -13.86 7.31
C ALA B 12 -12.82 -13.80 8.45
N PHE B 13 -14.07 -13.44 8.17
CA PHE B 13 -15.12 -13.50 9.19
C PHE B 13 -15.51 -14.96 9.50
N GLY B 14 -15.94 -15.22 10.73
CA GLY B 14 -16.42 -16.55 11.09
C GLY B 14 -16.74 -16.49 12.58
N GLY B 15 -17.56 -17.41 13.10
CA GLY B 15 -17.93 -17.36 14.52
C GLY B 15 -18.79 -16.15 14.88
N GLU B 16 -18.80 -15.75 16.16
CA GLU B 16 -19.57 -14.67 16.76
C GLU B 16 -18.69 -13.48 17.15
N GLY B 17 -19.28 -12.29 17.04
CA GLY B 17 -18.66 -11.03 17.41
C GLY B 17 -18.40 -11.03 18.91
N PRO B 18 -17.69 -10.04 19.43
CA PRO B 18 -17.22 -8.89 18.66
C PRO B 18 -15.94 -9.21 17.90
N ILE B 19 -15.58 -8.33 16.97
CA ILE B 19 -14.29 -8.45 16.29
C ILE B 19 -13.35 -7.60 17.09
N ILE B 20 -12.05 -7.79 16.95
CA ILE B 20 -11.08 -6.96 17.63
C ILE B 20 -10.15 -6.30 16.62
N ILE B 21 -10.13 -4.97 16.60
CA ILE B 21 -9.36 -4.27 15.57
C ILE B 21 -8.63 -3.14 16.24
N GLY B 22 -7.31 -3.06 16.08
CA GLY B 22 -6.60 -1.93 16.69
C GLY B 22 -6.69 -2.06 18.21
N GLY B 23 -6.78 -3.30 18.67
CA GLY B 23 -6.95 -3.56 20.10
C GLY B 23 -8.34 -3.27 20.68
N VAL B 24 -9.31 -2.90 19.86
CA VAL B 24 -10.64 -2.43 20.33
C VAL B 24 -11.71 -3.48 19.97
N ARG B 25 -12.56 -3.86 20.92
CA ARG B 25 -13.63 -4.83 20.65
C ARG B 25 -14.80 -4.09 20.05
N ILE B 26 -15.18 -4.47 18.82
CA ILE B 26 -16.28 -3.90 18.10
C ILE B 26 -17.40 -4.92 17.89
N PRO B 27 -18.58 -4.61 18.46
CA PRO B 27 -19.71 -5.53 18.33
C PRO B 27 -19.97 -5.77 16.86
N TYR B 28 -20.33 -6.99 16.48
CA TYR B 28 -20.62 -7.27 15.09
C TYR B 28 -21.32 -8.63 15.04
N GLU B 29 -21.98 -8.89 13.92
CA GLU B 29 -22.72 -10.12 13.79
C GLU B 29 -21.82 -11.33 13.64
N LYS B 30 -20.57 -11.10 13.22
CA LYS B 30 -19.61 -12.17 13.00
C LYS B 30 -18.31 -11.82 13.70
N GLY B 31 -17.51 -12.83 14.02
CA GLY B 31 -16.17 -12.59 14.58
C GLY B 31 -15.12 -12.70 13.46
N LEU B 32 -13.84 -12.60 13.82
CA LEU B 32 -12.77 -12.81 12.87
C LEU B 32 -12.09 -14.12 13.22
N LEU B 33 -12.02 -15.00 12.23
CA LEU B 33 -11.38 -16.30 12.42
C LEU B 33 -9.87 -16.20 12.35
N ALA B 34 -9.22 -16.91 13.25
CA ALA B 34 -7.77 -16.96 13.23
C ALA B 34 -7.25 -17.75 14.43
N HIS B 35 -6.04 -18.28 14.30
CA HIS B 35 -5.38 -18.98 15.40
C HIS B 35 -5.17 -17.88 16.44
N SER B 36 -4.83 -16.72 15.90
CA SER B 36 -4.65 -15.51 16.71
C SER B 36 -6.00 -14.82 16.97
N ASP B 37 -5.96 -13.65 17.61
CA ASP B 37 -7.21 -12.91 17.81
C ASP B 37 -7.75 -12.29 16.52
N GLY B 38 -6.96 -12.37 15.46
CA GLY B 38 -7.38 -11.89 14.15
C GLY B 38 -7.36 -10.38 13.99
N ASP B 39 -6.60 -9.68 14.82
CA ASP B 39 -6.51 -8.23 14.74
C ASP B 39 -5.69 -7.78 13.53
N VAL B 40 -6.38 -7.59 12.42
CA VAL B 40 -5.76 -7.33 11.15
C VAL B 40 -4.99 -5.99 11.16
N ALA B 41 -5.49 -5.03 11.93
CA ALA B 41 -4.83 -3.73 12.00
C ALA B 41 -3.53 -3.83 12.74
N LEU B 42 -3.53 -4.46 13.90
CA LEU B 42 -2.26 -4.61 14.61
C LEU B 42 -1.24 -5.51 13.88
N HIS B 43 -1.69 -6.54 13.17
CA HIS B 43 -0.76 -7.38 12.41
C HIS B 43 -0.09 -6.59 11.28
N ALA B 44 -0.90 -5.81 10.56
CA ALA B 44 -0.37 -5.02 9.43
C ALA B 44 0.63 -3.99 10.02
N LEU B 45 0.25 -3.36 11.11
CA LEU B 45 1.14 -2.35 11.72
C LEU B 45 2.46 -3.01 12.16
N THR B 46 2.35 -4.13 12.82
CA THR B 46 3.54 -4.85 13.28
C THR B 46 4.47 -5.19 12.10
N ASP B 47 3.91 -5.67 11.02
CA ASP B 47 4.71 -5.96 9.82
C ASP B 47 5.38 -4.69 9.24
N ALA B 48 4.67 -3.57 9.18
CA ALA B 48 5.27 -2.32 8.67
C ALA B 48 6.45 -1.95 9.54
N LEU B 49 6.27 -2.04 10.86
CA LEU B 49 7.35 -1.73 11.78
C LEU B 49 8.55 -2.69 11.61
N LEU B 50 8.27 -3.98 11.56
CA LEU B 50 9.33 -4.95 11.36
C LEU B 50 9.98 -4.72 9.99
N GLY B 51 9.17 -4.42 8.98
CA GLY B 51 9.71 -4.16 7.64
C GLY B 51 10.67 -2.97 7.58
N ALA B 52 10.32 -1.89 8.23
CA ALA B 52 11.22 -0.72 8.30
C ALA B 52 12.55 -1.06 8.94
N ALA B 53 12.50 -1.99 9.89
CA ALA B 53 13.69 -2.38 10.61
C ALA B 53 14.46 -3.53 9.95
N ALA B 54 13.98 -4.01 8.81
CA ALA B 54 14.48 -5.18 8.14
C ALA B 54 14.57 -6.40 9.07
N LEU B 55 13.54 -6.57 9.90
CA LEU B 55 13.48 -7.73 10.76
C LEU B 55 12.53 -8.80 10.23
N GLY B 56 12.12 -8.70 8.97
CA GLY B 56 11.28 -9.71 8.37
C GLY B 56 9.78 -9.45 8.43
N ASP B 57 9.08 -10.33 9.13
CA ASP B 57 7.64 -10.22 9.32
C ASP B 57 7.16 -10.96 10.60
N ILE B 58 5.87 -10.84 10.88
CA ILE B 58 5.37 -11.38 12.11
C ILE B 58 5.52 -12.87 12.17
N GLY B 59 5.36 -13.56 11.04
CA GLY B 59 5.51 -15.00 11.03
C GLY B 59 6.92 -15.44 11.32
N LYS B 60 7.90 -14.63 10.88
CA LYS B 60 9.28 -14.97 11.12
C LYS B 60 9.61 -14.77 12.64
N LEU B 61 9.04 -13.73 13.26
CA LEU B 61 9.28 -13.48 14.70
C LEU B 61 8.55 -14.48 15.60
N PHE B 62 7.35 -14.83 15.20
CA PHE B 62 6.51 -15.74 15.98
C PHE B 62 6.12 -16.96 15.13
N PRO B 63 7.04 -17.87 14.91
CA PRO B 63 6.78 -19.07 14.08
C PRO B 63 5.63 -19.92 14.61
N ASP B 64 4.91 -20.54 13.68
CA ASP B 64 3.75 -21.37 14.03
C ASP B 64 4.14 -22.48 15.00
N THR B 65 5.35 -22.98 14.85
CA THR B 65 5.79 -24.07 15.69
C THR B 65 6.35 -23.62 17.04
N ASP B 66 6.40 -22.31 17.27
CA ASP B 66 6.94 -21.76 18.50
C ASP B 66 5.85 -21.65 19.58
N PRO B 67 5.99 -22.41 20.66
CA PRO B 67 5.02 -22.36 21.77
C PRO B 67 4.98 -21.02 22.57
N ALA B 68 6.10 -20.31 22.64
CA ALA B 68 6.19 -19.08 23.43
C ALA B 68 5.04 -18.09 23.33
N PHE B 69 4.64 -17.71 22.11
CA PHE B 69 3.64 -16.62 22.03
C PHE B 69 2.28 -17.08 21.61
N LYS B 70 2.09 -18.38 21.55
CA LYS B 70 0.79 -18.95 21.21
C LYS B 70 -0.20 -18.55 22.29
N GLY B 71 -1.35 -18.08 21.84
CA GLY B 71 -2.36 -17.56 22.75
C GLY B 71 -2.28 -16.05 23.05
N ALA B 72 -1.18 -15.43 22.69
CA ALA B 72 -0.97 -14.02 23.00
C ALA B 72 -1.92 -13.12 22.22
N ASP B 73 -2.34 -12.03 22.85
CA ASP B 73 -3.19 -11.11 22.11
C ASP B 73 -2.30 -10.24 21.21
N SER B 74 -2.88 -9.62 20.21
CA SER B 74 -2.05 -8.92 19.21
C SER B 74 -1.35 -7.69 19.75
N ARG B 75 -1.87 -7.16 20.85
CA ARG B 75 -1.21 -6.02 21.48
C ARG B 75 0.12 -6.47 22.09
N GLU B 76 0.12 -7.68 22.63
CA GLU B 76 1.35 -8.27 23.21
C GLU B 76 2.41 -8.51 22.14
N LEU B 77 1.96 -8.94 20.96
CA LEU B 77 2.86 -9.24 19.87
C LEU B 77 3.46 -7.95 19.36
N LEU B 78 2.64 -6.90 19.28
CA LEU B 78 3.09 -5.58 18.82
C LEU B 78 4.17 -5.07 19.77
N ARG B 79 3.92 -5.18 21.07
CA ARG B 79 4.91 -4.69 22.04
C ARG B 79 6.22 -5.44 22.00
N GLU B 80 6.18 -6.73 21.74
CA GLU B 80 7.40 -7.51 21.70
C GLU B 80 8.20 -7.24 20.41
N ALA B 81 7.50 -7.07 19.28
CA ALA B 81 8.15 -6.71 18.03
C ALA B 81 8.84 -5.34 18.24
N TRP B 82 8.12 -4.43 18.85
CA TRP B 82 8.60 -3.10 19.12
C TRP B 82 9.85 -3.12 20.02
N ARG B 83 9.86 -4.03 20.97
CA ARG B 83 11.04 -4.17 21.83
C ARG B 83 12.22 -4.62 20.98
N ARG B 84 11.99 -5.55 20.06
CA ARG B 84 13.09 -6.04 19.25
C ARG B 84 13.57 -5.01 18.23
N ILE B 85 12.65 -4.20 17.75
CA ILE B 85 13.04 -3.09 16.85
C ILE B 85 13.82 -2.02 17.60
N GLN B 86 13.39 -1.67 18.81
CA GLN B 86 14.14 -0.65 19.55
C GLN B 86 15.56 -1.12 19.93
N ALA B 87 15.71 -2.44 20.15
CA ALA B 87 17.01 -3.03 20.49
C ALA B 87 18.01 -2.93 19.33
N LYS B 88 17.51 -2.76 18.10
CA LYS B 88 18.38 -2.50 16.95
C LYS B 88 18.72 -1.01 16.81
N GLY B 89 18.25 -0.17 17.72
CA GLY B 89 18.61 1.25 17.69
C GLY B 89 17.57 2.22 17.11
N TYR B 90 16.39 1.73 16.75
CA TYR B 90 15.36 2.61 16.16
C TYR B 90 14.38 3.24 17.13
N THR B 91 13.88 4.43 16.76
CA THR B 91 12.78 5.03 17.47
C THR B 91 11.70 5.34 16.45
N LEU B 92 10.54 5.71 16.93
CA LEU B 92 9.41 5.87 16.05
C LEU B 92 9.33 7.24 15.41
N GLY B 93 9.11 7.28 14.09
CA GLY B 93 8.78 8.55 13.47
C GLY B 93 7.26 8.68 13.57
N ASN B 94 6.53 7.96 12.71
CA ASN B 94 5.05 8.01 12.78
C ASN B 94 4.52 6.79 12.03
N VAL B 95 3.25 6.47 12.26
CA VAL B 95 2.65 5.30 11.58
C VAL B 95 1.28 5.74 11.06
N ASP B 96 0.78 5.10 10.02
CA ASP B 96 -0.52 5.43 9.45
C ASP B 96 -1.11 4.07 9.05
N VAL B 97 -2.37 3.82 9.38
CA VAL B 97 -3.01 2.51 9.14
C VAL B 97 -4.32 2.76 8.38
N THR B 98 -4.65 1.89 7.41
CA THR B 98 -5.88 2.04 6.64
C THR B 98 -6.63 0.71 6.73
N ILE B 99 -7.78 0.73 7.39
CA ILE B 99 -8.63 -0.43 7.54
C ILE B 99 -9.57 -0.51 6.31
N ILE B 100 -9.65 -1.68 5.67
CA ILE B 100 -10.48 -1.84 4.48
C ILE B 100 -11.57 -2.84 4.83
N ALA B 101 -12.77 -2.33 4.98
CA ALA B 101 -13.92 -3.09 5.50
C ALA B 101 -15.23 -2.44 5.11
N GLN B 102 -16.17 -3.26 4.68
CA GLN B 102 -17.47 -2.74 4.28
C GLN B 102 -18.27 -2.37 5.54
N ALA B 103 -17.98 -3.11 6.59
CA ALA B 103 -18.66 -2.97 7.91
C ALA B 103 -17.87 -3.83 8.89
N PRO B 104 -17.90 -3.54 10.18
CA PRO B 104 -18.66 -2.45 10.77
C PRO B 104 -18.03 -1.10 10.58
N LYS B 105 -18.76 -0.08 11.00
CA LYS B 105 -18.24 1.27 10.94
C LYS B 105 -17.08 1.43 11.94
N MSE B 106 -15.94 1.89 11.44
CA MSE B 106 -14.72 1.98 12.26
C MSE B 106 -14.53 3.35 12.90
O MSE B 106 -13.94 3.45 13.98
CB MSE B 106 -13.47 1.70 11.40
CG MSE B 106 -13.45 0.35 10.71
SE MSE B 106 -13.31 -1.08 12.01
CE MSE B 106 -13.92 -2.58 10.80
N LEU B 107 -15.02 4.39 12.24
CA LEU B 107 -14.72 5.76 12.70
C LEU B 107 -14.91 6.03 14.20
N PRO B 108 -16.03 5.58 14.77
CA PRO B 108 -16.29 5.84 16.19
C PRO B 108 -15.24 5.20 17.08
N HIS B 109 -14.63 4.12 16.60
CA HIS B 109 -13.66 3.38 17.40
C HIS B 109 -12.18 3.78 17.17
N ILE B 110 -11.94 4.55 16.11
CA ILE B 110 -10.58 4.96 15.79
C ILE B 110 -9.84 5.71 16.92
N PRO B 111 -10.47 6.66 17.60
CA PRO B 111 -9.77 7.30 18.73
C PRO B 111 -9.22 6.30 19.73
N GLN B 112 -9.98 5.26 20.07
CA GLN B 112 -9.50 4.33 21.07
C GLN B 112 -8.33 3.47 20.56
N MSE B 113 -8.40 3.07 19.27
CA MSE B 113 -7.24 2.40 18.67
C MSE B 113 -5.98 3.28 18.75
O MSE B 113 -4.90 2.79 19.07
CB MSE B 113 -7.55 2.05 17.21
CG MSE B 113 -8.78 1.18 17.04
SE MSE B 113 -8.98 1.02 15.09
CE MSE B 113 -10.73 0.43 15.00
N ARG B 114 -6.12 4.58 18.45
CA ARG B 114 -4.95 5.45 18.48
C ARG B 114 -4.33 5.50 19.85
N VAL B 115 -5.14 5.58 20.91
CA VAL B 115 -4.58 5.52 22.24
C VAL B 115 -3.83 4.23 22.55
N PHE B 116 -4.43 3.07 22.19
CA PHE B 116 -3.81 1.83 22.47
C PHE B 116 -2.49 1.70 21.70
N ILE B 117 -2.48 2.15 20.44
CA ILE B 117 -1.28 2.01 19.62
C ILE B 117 -0.20 2.92 20.17
N ALA B 118 -0.60 4.14 20.50
CA ALA B 118 0.34 5.13 21.07
C ALA B 118 0.95 4.63 22.40
N GLU B 119 0.12 3.99 23.23
CA GLU B 119 0.66 3.43 24.48
C GLU B 119 1.63 2.30 24.21
N ASP B 120 1.28 1.45 23.27
CA ASP B 120 2.12 0.30 22.97
C ASP B 120 3.45 0.69 22.33
N LEU B 121 3.47 1.78 21.60
CA LEU B 121 4.71 2.18 20.96
C LEU B 121 5.40 3.23 21.79
N GLY B 122 4.78 3.64 22.90
CA GLY B 122 5.35 4.69 23.72
C GLY B 122 5.53 6.04 23.05
N CYS B 123 4.60 6.43 22.16
CA CYS B 123 4.66 7.70 21.41
C CYS B 123 3.49 8.60 21.67
N HIS B 124 3.51 9.78 21.07
CA HIS B 124 2.44 10.74 21.15
C HIS B 124 1.35 10.24 20.24
N MSE B 125 0.11 10.52 20.61
CA MSE B 125 -1.03 10.15 19.79
C MSE B 125 -0.89 10.92 18.45
O MSE B 125 -1.39 10.45 17.43
CB MSE B 125 -2.36 10.40 20.53
CG MSE B 125 -3.40 9.14 20.74
SE MSE B 125 -5.05 10.13 20.91
CE MSE B 125 -6.34 9.08 19.92
N ASP B 126 -0.16 12.04 18.40
CA ASP B 126 0.00 12.76 17.13
C ASP B 126 0.92 12.04 16.11
N ASP B 127 1.55 10.95 16.52
CA ASP B 127 2.39 10.18 15.63
C ASP B 127 1.66 8.97 15.07
N VAL B 128 0.38 8.84 15.42
CA VAL B 128 -0.38 7.64 15.06
C VAL B 128 -1.65 8.04 14.32
N ASN B 129 -1.86 7.52 13.10
CA ASN B 129 -3.12 7.82 12.42
C ASN B 129 -3.75 6.50 11.97
N VAL B 130 -5.07 6.41 12.06
CA VAL B 130 -5.82 5.24 11.58
C VAL B 130 -7.03 5.79 10.80
N LYS B 131 -7.34 5.15 9.66
CA LYS B 131 -8.49 5.54 8.86
C LYS B 131 -9.14 4.27 8.36
N ALA B 132 -10.26 4.44 7.68
CA ALA B 132 -10.93 3.27 7.11
C ALA B 132 -11.57 3.66 5.81
N THR B 133 -11.81 2.65 4.96
CA THR B 133 -12.52 2.86 3.74
C THR B 133 -13.30 1.57 3.41
N THR B 134 -14.36 1.70 2.63
CA THR B 134 -15.02 0.51 2.07
C THR B 134 -14.50 0.33 0.66
N THR B 135 -14.84 -0.81 0.03
CA THR B 135 -14.56 -1.00 -1.40
C THR B 135 -15.89 -0.97 -2.16
N GLU B 136 -16.87 -0.26 -1.62
CA GLU B 136 -18.14 -0.01 -2.32
C GLU B 136 -18.79 -1.33 -2.79
N LYS B 137 -18.83 -2.28 -1.86
CA LYS B 137 -19.42 -3.60 -2.06
C LYS B 137 -18.73 -4.48 -3.10
N LEU B 138 -17.52 -4.12 -3.56
CA LEU B 138 -16.76 -4.91 -4.51
C LEU B 138 -15.69 -5.78 -3.80
N GLY B 139 -15.35 -6.92 -4.38
CA GLY B 139 -14.29 -7.77 -3.83
C GLY B 139 -14.70 -8.51 -2.58
N PHE B 140 -13.76 -9.27 -2.03
CA PHE B 140 -14.06 -10.07 -0.84
C PHE B 140 -14.44 -9.20 0.33
N THR B 141 -13.83 -7.99 0.50
CA THR B 141 -14.28 -7.12 1.59
C THR B 141 -15.69 -6.59 1.32
N GLY B 142 -15.96 -6.17 0.09
CA GLY B 142 -17.28 -5.63 -0.26
C GLY B 142 -18.39 -6.66 -0.08
N ARG B 143 -18.08 -7.95 -0.34
CA ARG B 143 -19.06 -9.04 -0.13
C ARG B 143 -19.17 -9.43 1.34
N GLY B 144 -18.36 -8.80 2.21
CA GLY B 144 -18.43 -9.07 3.63
C GLY B 144 -17.82 -10.41 4.04
N GLU B 145 -16.83 -10.89 3.29
CA GLU B 145 -16.12 -12.09 3.66
C GLU B 145 -15.01 -11.90 4.66
N GLY B 146 -14.44 -10.70 4.72
CA GLY B 146 -13.36 -10.49 5.64
C GLY B 146 -12.97 -9.01 5.68
N ILE B 147 -11.89 -8.73 6.39
CA ILE B 147 -11.40 -7.33 6.53
C ILE B 147 -9.91 -7.32 6.18
N ALA B 148 -9.45 -6.25 5.54
CA ALA B 148 -8.02 -6.16 5.21
C ALA B 148 -7.51 -4.91 5.86
N CYS B 149 -6.18 -4.77 5.98
CA CYS B 149 -5.64 -3.56 6.54
C CYS B 149 -4.27 -3.32 5.90
N GLU B 150 -3.96 -2.07 5.57
CA GLU B 150 -2.60 -1.70 5.13
C GLU B 150 -2.00 -0.75 6.17
N ALA B 151 -0.68 -0.74 6.33
CA ALA B 151 -0.08 0.21 7.26
C ALA B 151 1.28 0.60 6.68
N VAL B 152 1.74 1.80 7.06
CA VAL B 152 3.09 2.23 6.72
C VAL B 152 3.68 2.82 7.99
N ALA B 153 5.00 2.80 8.05
CA ALA B 153 5.66 3.30 9.23
C ALA B 153 6.97 3.95 8.82
N LEU B 154 7.38 4.94 9.59
CA LEU B 154 8.68 5.56 9.41
C LEU B 154 9.39 5.43 10.76
N LEU B 155 10.58 4.89 10.75
CA LEU B 155 11.39 4.77 11.94
C LEU B 155 12.58 5.73 11.83
N ILE B 156 13.20 6.08 12.95
CA ILE B 156 14.36 6.96 12.92
C ILE B 156 15.52 6.21 13.58
N LYS B 157 16.72 6.39 13.02
CA LYS B 157 17.99 5.85 13.57
C LYS B 157 19.15 6.82 13.31
N GLU C 1 17.56 15.45 1.38
CA GLU C 1 16.17 15.25 0.85
C GLU C 1 15.91 13.75 0.86
N MSE C 2 14.72 13.33 1.28
CA MSE C 2 14.34 11.93 1.19
C MSE C 2 13.02 11.93 0.46
O MSE C 2 12.24 12.89 0.59
CB MSE C 2 14.23 11.24 2.53
CG MSE C 2 15.60 10.89 3.14
SE MSE C 2 15.23 10.06 4.82
CE MSE C 2 15.93 8.28 4.44
N ARG C 3 12.78 10.85 -0.28
CA ARG C 3 11.59 10.76 -1.13
C ARG C 3 10.99 9.36 -0.97
N ILE C 4 9.66 9.29 -0.96
CA ILE C 4 9.01 7.98 -0.83
C ILE C 4 8.34 7.57 -2.13
N GLY C 5 8.22 6.25 -2.34
CA GLY C 5 7.54 5.72 -3.50
C GLY C 5 6.80 4.44 -3.09
N HIS C 6 5.80 4.10 -3.88
CA HIS C 6 4.98 2.90 -3.63
C HIS C 6 4.73 2.23 -4.96
N GLY C 7 4.69 0.90 -4.95
CA GLY C 7 4.43 0.13 -6.15
C GLY C 7 3.48 -1.03 -5.80
N PHE C 8 2.75 -1.49 -6.81
CA PHE C 8 1.80 -2.59 -6.62
C PHE C 8 1.76 -3.36 -7.93
N ASP C 9 1.70 -4.68 -7.88
CA ASP C 9 1.58 -5.44 -9.13
C ASP C 9 0.87 -6.76 -8.83
N VAL C 10 0.28 -7.31 -9.89
CA VAL C 10 -0.44 -8.56 -9.85
C VAL C 10 -0.15 -9.33 -11.12
N HIS C 11 0.16 -10.62 -11.00
CA HIS C 11 0.16 -11.47 -12.21
C HIS C 11 -0.67 -12.71 -11.95
N ALA C 12 -1.24 -13.24 -13.01
CA ALA C 12 -2.10 -14.41 -12.93
C ALA C 12 -1.29 -15.69 -13.11
N PHE C 13 -1.70 -16.76 -12.48
CA PHE C 13 -1.07 -18.04 -12.75
C PHE C 13 -1.52 -18.57 -14.09
N GLY C 14 -0.68 -19.38 -14.72
CA GLY C 14 -1.08 -20.00 -15.96
C GLY C 14 0.05 -20.90 -16.41
N GLY C 15 -0.28 -21.99 -17.11
CA GLY C 15 0.77 -22.87 -17.58
C GLY C 15 1.36 -23.63 -16.42
N GLU C 16 2.59 -24.10 -16.63
CA GLU C 16 3.30 -24.89 -15.65
C GLU C 16 4.37 -24.06 -14.96
N GLY C 17 4.74 -24.45 -13.75
CA GLY C 17 5.83 -23.81 -13.00
C GLY C 17 7.17 -23.97 -13.71
N PRO C 18 8.24 -23.43 -13.13
CA PRO C 18 8.19 -22.74 -11.83
C PRO C 18 7.72 -21.27 -11.97
N ILE C 19 7.62 -20.58 -10.84
CA ILE C 19 7.39 -19.15 -10.92
C ILE C 19 8.68 -18.46 -10.52
N ILE C 20 8.82 -17.20 -10.88
CA ILE C 20 9.98 -16.43 -10.44
C ILE C 20 9.50 -15.22 -9.65
N ILE C 21 10.02 -15.07 -8.44
CA ILE C 21 9.63 -14.01 -7.52
C ILE C 21 10.84 -13.46 -6.85
N GLY C 22 11.02 -12.14 -6.91
CA GLY C 22 12.20 -11.53 -6.34
C GLY C 22 13.48 -12.11 -6.95
N GLY C 23 13.36 -12.49 -8.22
CA GLY C 23 14.49 -13.09 -8.91
C GLY C 23 14.77 -14.56 -8.62
N VAL C 24 13.98 -15.20 -7.76
CA VAL C 24 14.22 -16.57 -7.29
C VAL C 24 13.25 -17.50 -7.94
N ARG C 25 13.76 -18.56 -8.55
CA ARG C 25 12.87 -19.53 -9.16
C ARG C 25 12.28 -20.44 -8.09
N ILE C 26 10.95 -20.56 -8.08
CA ILE C 26 10.26 -21.31 -7.07
C ILE C 26 9.36 -22.33 -7.74
N PRO C 27 9.54 -23.61 -7.42
CA PRO C 27 8.71 -24.65 -8.04
C PRO C 27 7.25 -24.55 -7.58
N TYR C 28 6.31 -24.82 -8.50
CA TYR C 28 4.90 -24.69 -8.19
C TYR C 28 4.09 -25.41 -9.25
N GLU C 29 2.86 -25.76 -8.92
CA GLU C 29 1.97 -26.45 -9.89
C GLU C 29 1.64 -25.62 -11.15
N LYS C 30 1.70 -24.29 -11.06
CA LYS C 30 1.38 -23.45 -12.19
C LYS C 30 2.52 -22.47 -12.40
N GLY C 31 2.60 -21.86 -13.56
CA GLY C 31 3.56 -20.77 -13.76
C GLY C 31 2.87 -19.40 -13.65
N LEU C 32 3.58 -18.31 -13.97
CA LEU C 32 2.94 -16.98 -13.97
C LEU C 32 2.80 -16.49 -15.41
N LEU C 33 1.57 -16.15 -15.82
CA LEU C 33 1.32 -15.66 -17.17
C LEU C 33 1.89 -14.26 -17.29
N ALA C 34 2.59 -14.00 -18.38
CA ALA C 34 3.10 -12.67 -18.60
C ALA C 34 3.91 -12.68 -19.86
N HIS C 35 3.99 -11.52 -20.51
CA HIS C 35 4.89 -11.34 -21.65
C HIS C 35 6.27 -11.44 -21.01
N SER C 36 6.41 -10.76 -19.87
CA SER C 36 7.66 -10.73 -19.12
C SER C 36 7.79 -12.05 -18.37
N ASP C 37 8.76 -12.16 -17.45
CA ASP C 37 8.84 -13.35 -16.59
C ASP C 37 7.80 -13.34 -15.47
N GLY C 38 7.01 -12.28 -15.38
CA GLY C 38 5.92 -12.23 -14.41
C GLY C 38 6.35 -12.03 -12.98
N ASP C 39 7.57 -11.51 -12.76
CA ASP C 39 8.09 -11.33 -11.40
C ASP C 39 7.41 -10.13 -10.68
N VAL C 40 6.32 -10.42 -9.95
CA VAL C 40 5.50 -9.36 -9.34
C VAL C 40 6.25 -8.58 -8.32
N ALA C 41 7.15 -9.24 -7.57
CA ALA C 41 7.91 -8.57 -6.52
C ALA C 41 8.84 -7.56 -7.14
N LEU C 42 9.55 -7.98 -8.20
CA LEU C 42 10.47 -7.02 -8.76
C LEU C 42 9.73 -5.89 -9.51
N HIS C 43 8.58 -6.17 -10.11
CA HIS C 43 7.87 -5.11 -10.80
C HIS C 43 7.36 -4.10 -9.81
N ALA C 44 6.78 -4.59 -8.69
CA ALA C 44 6.28 -3.67 -7.69
C ALA C 44 7.45 -2.83 -7.12
N LEU C 45 8.55 -3.48 -6.83
CA LEU C 45 9.72 -2.76 -6.32
C LEU C 45 10.20 -1.70 -7.33
N THR C 46 10.27 -2.07 -8.62
CA THR C 46 10.74 -1.15 -9.64
C THR C 46 9.83 0.05 -9.70
N ASP C 47 8.52 -0.19 -9.65
CA ASP C 47 7.57 0.93 -9.64
C ASP C 47 7.70 1.85 -8.40
N ALA C 48 7.92 1.26 -7.22
CA ALA C 48 8.10 2.05 -6.01
C ALA C 48 9.36 2.95 -6.14
N LEU C 49 10.45 2.41 -6.69
CA LEU C 49 11.68 3.21 -6.86
C LEU C 49 11.47 4.30 -7.92
N LEU C 50 10.91 3.92 -9.07
CA LEU C 50 10.55 4.93 -10.10
C LEU C 50 9.60 5.98 -9.52
N GLY C 51 8.65 5.53 -8.70
CA GLY C 51 7.72 6.47 -8.10
C GLY C 51 8.36 7.53 -7.15
N ALA C 52 9.29 7.11 -6.30
CA ALA C 52 10.02 7.96 -5.40
C ALA C 52 10.82 9.01 -6.18
N ALA C 53 11.35 8.62 -7.33
CA ALA C 53 12.11 9.53 -8.15
C ALA C 53 11.26 10.29 -9.16
N ALA C 54 9.94 10.13 -9.11
CA ALA C 54 9.05 10.76 -10.09
C ALA C 54 9.46 10.48 -11.54
N LEU C 55 9.80 9.24 -11.86
CA LEU C 55 10.13 8.83 -13.19
C LEU C 55 8.99 8.03 -13.83
N GLY C 56 7.82 8.03 -13.20
CA GLY C 56 6.69 7.36 -13.83
C GLY C 56 6.47 5.92 -13.36
N ASP C 57 6.44 4.96 -14.29
CA ASP C 57 6.24 3.54 -13.96
C ASP C 57 6.92 2.63 -14.98
N ILE C 58 6.98 1.33 -14.71
CA ILE C 58 7.66 0.44 -15.64
C ILE C 58 7.14 0.48 -17.08
N GLY C 59 5.86 0.80 -17.25
CA GLY C 59 5.31 0.84 -18.59
C GLY C 59 5.81 2.06 -19.35
N LYS C 60 5.98 3.17 -18.65
CA LYS C 60 6.51 4.37 -19.29
C LYS C 60 7.99 4.18 -19.71
N LEU C 61 8.80 3.50 -18.89
CA LEU C 61 10.24 3.29 -19.17
C LEU C 61 10.49 2.25 -20.24
N PHE C 62 9.63 1.24 -20.26
CA PHE C 62 9.78 0.10 -21.16
C PHE C 62 8.50 -0.16 -21.92
N PRO C 63 8.21 0.73 -22.85
CA PRO C 63 7.03 0.61 -23.72
C PRO C 63 7.14 -0.59 -24.65
N ASP C 64 6.02 -1.17 -25.11
CA ASP C 64 6.09 -2.32 -26.04
C ASP C 64 6.75 -1.89 -27.36
N THR C 65 6.90 -0.60 -27.52
CA THR C 65 7.48 0.01 -28.70
C THR C 65 9.01 -0.01 -28.74
N ASP C 66 9.62 -0.22 -27.58
CA ASP C 66 11.09 -0.18 -27.45
C ASP C 66 11.66 -1.61 -27.48
N PRO C 67 12.54 -1.87 -28.44
CA PRO C 67 13.04 -3.23 -28.57
C PRO C 67 14.11 -3.57 -27.55
N ALA C 68 14.84 -2.60 -27.03
CA ALA C 68 15.98 -2.94 -26.16
C ALA C 68 15.65 -3.94 -25.03
N PHE C 69 14.51 -3.73 -24.34
CA PHE C 69 14.17 -4.61 -23.22
C PHE C 69 13.11 -5.70 -23.47
N LYS C 70 12.73 -5.86 -24.72
CA LYS C 70 11.77 -6.91 -25.04
C LYS C 70 12.37 -8.23 -24.69
N GLY C 71 11.69 -9.01 -23.85
CA GLY C 71 12.24 -10.31 -23.48
C GLY C 71 13.31 -10.28 -22.40
N ALA C 72 13.60 -9.11 -21.83
CA ALA C 72 14.61 -9.07 -20.78
C ALA C 72 13.99 -9.58 -19.49
N ASP C 73 14.80 -10.19 -18.63
CA ASP C 73 14.31 -10.63 -17.32
C ASP C 73 14.02 -9.42 -16.39
N SER C 74 13.36 -9.65 -15.26
CA SER C 74 12.95 -8.48 -14.45
C SER C 74 14.11 -7.89 -13.68
N ARG C 75 15.16 -8.66 -13.46
CA ARG C 75 16.31 -8.06 -12.80
C ARG C 75 16.97 -7.00 -13.68
N GLU C 76 17.02 -7.29 -14.98
CA GLU C 76 17.53 -6.37 -15.97
C GLU C 76 16.67 -5.11 -15.98
N LEU C 77 15.33 -5.26 -15.89
CA LEU C 77 14.46 -4.07 -15.82
C LEU C 77 14.78 -3.23 -14.53
N LEU C 78 14.95 -3.93 -13.40
CA LEU C 78 15.19 -3.23 -12.11
C LEU C 78 16.49 -2.45 -12.20
N ARG C 79 17.52 -3.10 -12.73
CA ARG C 79 18.82 -2.44 -12.88
C ARG C 79 18.80 -1.22 -13.79
N GLU C 80 18.07 -1.27 -14.89
CA GLU C 80 17.98 -0.11 -15.79
C GLU C 80 17.22 1.00 -15.10
N ALA C 81 16.13 0.65 -14.42
CA ALA C 81 15.46 1.67 -13.65
C ALA C 81 16.42 2.33 -12.62
N TRP C 82 17.15 1.51 -11.91
CA TRP C 82 18.03 2.03 -10.86
C TRP C 82 19.09 2.97 -11.50
N ARG C 83 19.62 2.61 -12.66
CA ARG C 83 20.53 3.50 -13.41
C ARG C 83 19.90 4.87 -13.67
N ARG C 84 18.67 4.88 -14.14
CA ARG C 84 18.01 6.16 -14.43
C ARG C 84 17.82 6.95 -13.15
N ILE C 85 17.49 6.27 -12.06
CA ILE C 85 17.24 6.94 -10.81
C ILE C 85 18.54 7.49 -10.24
N GLN C 86 19.58 6.70 -10.32
CA GLN C 86 20.87 7.22 -9.89
C GLN C 86 21.32 8.43 -10.75
N ALA C 87 21.02 8.42 -12.04
CA ALA C 87 21.39 9.56 -12.93
C ALA C 87 20.69 10.84 -12.49
N LYS C 88 19.56 10.70 -11.79
CA LYS C 88 18.85 11.85 -11.26
C LYS C 88 19.43 12.33 -9.95
N GLY C 89 20.39 11.61 -9.40
CA GLY C 89 21.10 12.03 -8.22
C GLY C 89 20.66 11.35 -6.92
N TYR C 90 19.87 10.29 -7.03
CA TYR C 90 19.47 9.58 -5.82
C TYR C 90 20.33 8.41 -5.47
N THR C 91 20.36 8.11 -4.18
CA THR C 91 20.89 6.90 -3.61
C THR C 91 19.81 6.22 -2.76
N LEU C 92 20.06 4.98 -2.40
CA LEU C 92 19.03 4.20 -1.73
C LEU C 92 18.98 4.42 -0.24
N GLY C 93 17.76 4.67 0.29
CA GLY C 93 17.59 4.64 1.74
C GLY C 93 17.29 3.21 2.15
N ASN C 94 16.07 2.74 1.90
CA ASN C 94 15.75 1.34 2.17
C ASN C 94 14.48 0.93 1.39
N VAL C 95 14.27 -0.36 1.27
CA VAL C 95 13.04 -0.82 0.54
C VAL C 95 12.37 -1.89 1.38
N ASP C 96 11.06 -2.07 1.20
CA ASP C 96 10.36 -3.11 1.93
C ASP C 96 9.29 -3.62 0.94
N VAL C 97 9.19 -4.93 0.79
CA VAL C 97 8.33 -5.59 -0.17
C VAL C 97 7.40 -6.54 0.59
N THR C 98 6.15 -6.60 0.19
CA THR C 98 5.19 -7.48 0.84
C THR C 98 4.54 -8.31 -0.29
N ILE C 99 4.83 -9.59 -0.35
CA ILE C 99 4.28 -10.55 -1.33
C ILE C 99 2.96 -11.06 -0.76
N ILE C 100 1.91 -11.07 -1.60
CA ILE C 100 0.59 -11.47 -1.15
C ILE C 100 0.21 -12.68 -1.99
N ALA C 101 0.26 -13.82 -1.34
CA ALA C 101 0.10 -15.11 -2.03
C ALA C 101 -0.35 -16.18 -1.04
N GLN C 102 -1.30 -17.01 -1.47
CA GLN C 102 -1.76 -18.05 -0.60
C GLN C 102 -0.70 -19.18 -0.63
N ALA C 103 -0.08 -19.34 -1.79
CA ALA C 103 0.99 -20.31 -2.05
C ALA C 103 1.69 -19.91 -3.31
N PRO C 104 2.92 -20.37 -3.54
CA PRO C 104 3.67 -21.20 -2.62
C PRO C 104 4.19 -20.45 -1.37
N LYS C 105 4.72 -21.21 -0.40
CA LYS C 105 5.30 -20.61 0.80
C LYS C 105 6.54 -19.80 0.40
N MSE C 106 6.68 -18.54 0.86
CA MSE C 106 7.78 -17.70 0.40
C MSE C 106 8.99 -17.69 1.32
O MSE C 106 10.11 -17.49 0.84
CB MSE C 106 7.30 -16.25 0.23
CG MSE C 106 6.15 -16.15 -0.78
SE MSE C 106 6.81 -16.45 -2.61
CE MSE C 106 5.09 -16.88 -3.47
N LEU C 107 8.73 -17.85 2.61
CA LEU C 107 9.71 -17.77 3.67
C LEU C 107 11.12 -18.35 3.35
N PRO C 108 11.23 -19.59 2.89
CA PRO C 108 12.60 -20.16 2.68
C PRO C 108 13.34 -19.53 1.49
N HIS C 109 12.64 -18.86 0.58
CA HIS C 109 13.23 -18.25 -0.59
C HIS C 109 13.61 -16.77 -0.42
N ILE C 110 13.17 -16.18 0.67
CA ILE C 110 13.35 -14.74 0.88
C ILE C 110 14.80 -14.34 1.08
N PRO C 111 15.59 -15.14 1.80
CA PRO C 111 17.02 -14.79 1.92
C PRO C 111 17.65 -14.55 0.54
N GLN C 112 17.40 -15.42 -0.43
CA GLN C 112 18.00 -15.22 -1.73
C GLN C 112 17.45 -13.97 -2.45
N MSE C 113 16.14 -13.77 -2.33
CA MSE C 113 15.56 -12.55 -2.91
C MSE C 113 16.26 -11.31 -2.39
O MSE C 113 16.57 -10.38 -3.17
CB MSE C 113 14.07 -12.46 -2.58
CG MSE C 113 13.31 -13.57 -3.17
SE MSE C 113 11.44 -13.16 -2.64
CE MSE C 113 10.64 -14.95 -2.91
N ARG C 114 16.47 -11.28 -1.07
CA ARG C 114 17.14 -10.11 -0.48
C ARG C 114 18.53 -9.89 -1.05
N VAL C 115 19.29 -10.97 -1.22
CA VAL C 115 20.62 -10.89 -1.80
C VAL C 115 20.55 -10.37 -3.25
N PHE C 116 19.65 -10.92 -4.05
CA PHE C 116 19.54 -10.47 -5.44
C PHE C 116 19.17 -9.00 -5.52
N ILE C 117 18.24 -8.57 -4.65
CA ILE C 117 17.80 -7.17 -4.69
C ILE C 117 18.92 -6.26 -4.22
N ALA C 118 19.60 -6.65 -3.18
CA ALA C 118 20.68 -5.82 -2.65
C ALA C 118 21.77 -5.68 -3.73
N GLU C 119 22.02 -6.77 -4.46
CA GLU C 119 23.03 -6.79 -5.55
C GLU C 119 22.64 -5.77 -6.60
N ASP C 120 21.40 -5.87 -7.07
CA ASP C 120 20.88 -5.01 -8.12
C ASP C 120 20.88 -3.53 -7.74
N LEU C 121 20.66 -3.21 -6.46
CA LEU C 121 20.59 -1.83 -6.05
C LEU C 121 21.91 -1.34 -5.44
N GLY C 122 22.93 -2.18 -5.47
CA GLY C 122 24.23 -1.81 -4.89
C GLY C 122 24.17 -1.42 -3.42
N CYS C 123 23.33 -2.09 -2.62
CA CYS C 123 23.22 -1.72 -1.20
C CYS C 123 23.49 -2.91 -0.29
N HIS C 124 23.45 -2.68 1.01
CA HIS C 124 23.63 -3.78 1.93
C HIS C 124 22.28 -4.50 2.04
N MSE C 125 22.35 -5.78 2.39
CA MSE C 125 21.16 -6.59 2.62
C MSE C 125 20.30 -5.97 3.75
O MSE C 125 19.08 -6.14 3.75
CB MSE C 125 21.56 -8.05 2.96
CG MSE C 125 21.02 -9.17 2.03
SE MSE C 125 21.08 -10.73 3.18
CE MSE C 125 19.49 -11.80 2.65
N ASP C 126 20.91 -5.26 4.70
CA ASP C 126 20.14 -4.65 5.80
C ASP C 126 19.24 -3.49 5.34
N ASP C 127 19.41 -3.05 4.09
CA ASP C 127 18.56 -1.98 3.57
C ASP C 127 17.39 -2.60 2.76
N VAL C 128 17.30 -3.93 2.75
CA VAL C 128 16.27 -4.65 1.96
C VAL C 128 15.44 -5.57 2.83
N ASN C 129 14.13 -5.33 2.90
CA ASN C 129 13.26 -6.25 3.64
C ASN C 129 12.20 -6.85 2.69
N VAL C 130 11.92 -8.14 2.86
CA VAL C 130 10.90 -8.83 2.09
C VAL C 130 10.07 -9.67 3.03
N LYS C 131 8.73 -9.59 2.91
CA LYS C 131 7.88 -10.44 3.75
C LYS C 131 6.78 -10.99 2.86
N ALA C 132 5.97 -11.88 3.43
CA ALA C 132 4.79 -12.40 2.69
C ALA C 132 3.59 -12.53 3.60
N THR C 133 2.40 -12.60 3.03
CA THR C 133 1.23 -12.83 3.82
C THR C 133 0.24 -13.56 2.92
N THR C 134 -0.65 -14.37 3.50
CA THR C 134 -1.75 -14.90 2.71
C THR C 134 -2.92 -13.95 2.90
N THR C 135 -3.99 -14.16 2.15
CA THR C 135 -5.25 -13.48 2.43
C THR C 135 -6.30 -14.48 2.97
N GLU C 136 -5.83 -15.54 3.64
CA GLU C 136 -6.71 -16.50 4.35
C GLU C 136 -7.78 -17.06 3.41
N LYS C 137 -7.36 -17.49 2.24
CA LYS C 137 -8.23 -18.11 1.25
C LYS C 137 -9.30 -17.19 0.65
N LEU C 138 -9.20 -15.89 0.92
CA LEU C 138 -10.12 -14.87 0.33
C LEU C 138 -9.52 -14.14 -0.87
N GLY C 139 -10.41 -13.70 -1.79
CA GLY C 139 -10.00 -12.95 -2.97
C GLY C 139 -9.31 -13.80 -4.02
N PHE C 140 -8.95 -13.17 -5.14
CA PHE C 140 -8.24 -13.92 -6.17
C PHE C 140 -6.92 -14.48 -5.69
N THR C 141 -6.23 -13.83 -4.71
CA THR C 141 -4.98 -14.45 -4.22
C THR C 141 -5.32 -15.68 -3.39
N GLY C 142 -6.30 -15.54 -2.50
CA GLY C 142 -6.69 -16.63 -1.62
C GLY C 142 -7.19 -17.89 -2.33
N ARG C 143 -7.83 -17.70 -3.48
CA ARG C 143 -8.33 -18.82 -4.28
C ARG C 143 -7.24 -19.42 -5.16
N GLY C 144 -6.03 -18.84 -5.14
CA GLY C 144 -4.95 -19.32 -5.99
C GLY C 144 -5.02 -18.95 -7.45
N GLU C 145 -5.59 -17.77 -7.77
CA GLU C 145 -5.72 -17.29 -9.15
C GLU C 145 -4.49 -16.56 -9.65
N GLY C 146 -3.76 -16.00 -8.69
CA GLY C 146 -2.54 -15.29 -9.00
C GLY C 146 -1.88 -14.78 -7.72
N ILE C 147 -0.90 -13.90 -7.90
CA ILE C 147 -0.12 -13.39 -6.78
C ILE C 147 -0.02 -11.87 -6.91
N ALA C 148 -0.03 -11.17 -5.78
CA ALA C 148 0.09 -9.71 -5.83
C ALA C 148 1.33 -9.32 -5.01
N CYS C 149 1.80 -8.08 -5.18
CA CYS C 149 2.91 -7.66 -4.39
C CYS C 149 2.82 -6.13 -4.18
N GLU C 150 3.15 -5.66 -2.98
CA GLU C 150 3.24 -4.21 -2.69
C GLU C 150 4.68 -3.88 -2.32
N ALA C 151 5.16 -2.68 -2.61
CA ALA C 151 6.55 -2.34 -2.20
C ALA C 151 6.59 -0.87 -1.83
N VAL C 152 7.45 -0.48 -0.90
CA VAL C 152 7.68 0.95 -0.63
C VAL C 152 9.17 1.17 -0.69
N ALA C 153 9.59 2.37 -1.05
CA ALA C 153 11.01 2.67 -1.10
C ALA C 153 11.22 4.07 -0.57
N LEU C 154 12.41 4.29 -0.03
CA LEU C 154 12.78 5.60 0.42
C LEU C 154 14.12 5.85 -0.28
N LEU C 155 14.19 6.97 -0.99
CA LEU C 155 15.42 7.36 -1.68
C LEU C 155 15.98 8.61 -0.96
N ILE C 156 17.28 8.83 -1.06
CA ILE C 156 17.94 9.98 -0.46
C ILE C 156 18.61 10.79 -1.57
N LYS C 157 18.54 12.12 -1.47
CA LYS C 157 19.26 13.01 -2.40
C LYS C 157 20.26 13.86 -1.61
ZN ZN D . -13.57 7.76 -2.72
O3B CDP E . 4.20 -4.99 -16.79
PB CDP E . 2.93 -5.47 -15.95
O1B CDP E . 2.44 -6.54 -16.79
O2B CDP E . 3.46 -5.82 -14.49
O3A CDP E . 1.88 -4.26 -16.13
PA CDP E . 0.40 -4.10 -16.68
O1A CDP E . -0.58 -4.20 -15.57
O2A CDP E . 0.00 -4.87 -17.94
O5' CDP E . 0.50 -2.56 -17.05
C5' CDP E . 1.47 -2.18 -18.02
C4' CDP E . 1.57 -0.66 -18.16
O4' CDP E . 0.36 -0.12 -18.63
C3' CDP E . 1.76 0.10 -16.82
O3' CDP E . 3.13 0.11 -16.36
C2' CDP E . 1.23 1.49 -17.11
O2' CDP E . 2.27 2.18 -17.78
C1' CDP E . 0.09 1.18 -18.09
N1 CDP E . -1.26 1.17 -17.48
C2 CDP E . -2.12 2.18 -17.92
O2 CDP E . -1.68 3.13 -18.57
N3 CDP E . -3.46 2.13 -17.70
C4 CDP E . -4.00 1.13 -16.91
N4 CDP E . -5.30 1.19 -16.66
C5 CDP E . -3.14 0.09 -16.47
C6 CDP E . -1.77 0.11 -16.80
MN MN F . 0.83 -7.03 -18.08
O3B CDP G . -15.72 8.77 0.56
PB CDP G . -15.45 7.38 -0.18
O1B CDP G . -16.69 7.11 -0.94
O2B CDP G . -14.11 7.52 -1.10
O3A CDP G . -15.38 6.41 1.12
PA CDP G . -16.29 5.22 1.74
O1A CDP G . -15.64 3.90 1.57
O2A CDP G . -17.75 5.29 1.27
O5' CDP G . -16.12 5.56 3.29
C5' CDP G . -16.50 6.81 3.82
C4' CDP G . -16.04 7.04 5.24
O4' CDP G . -16.57 6.08 6.12
C3' CDP G . -14.53 6.84 5.37
O3' CDP G . -13.82 7.96 4.84
C2' CDP G . -14.37 6.57 6.84
O2' CDP G . -14.39 7.85 7.45
C1' CDP G . -15.68 5.80 7.16
N1 CDP G . -15.57 4.33 7.23
C2 CDP G . -15.68 3.73 8.45
O2 CDP G . -15.60 4.43 9.48
N3 CDP G . -15.84 2.37 8.54
C4 CDP G . -15.64 1.54 7.48
N4 CDP G . -15.65 0.22 7.70
C5 CDP G . -15.39 2.11 6.23
C6 CDP G . -15.39 3.52 6.11
MN MN H . -18.51 5.95 -0.58
ZN ZN I . -3.06 -11.43 10.74
O3B CDP J . -0.36 -14.33 11.12
PB CDP J . -1.38 -14.08 9.94
O1B CDP J . -2.33 -15.16 10.18
O2B CDP J . -1.90 -12.56 10.15
O3A CDP J . -0.45 -14.52 8.64
PA CDP J . -0.59 -15.55 7.41
O1A CDP J . -1.01 -14.94 6.14
O2A CDP J . -1.27 -16.90 7.69
O5' CDP J . 0.95 -15.81 7.11
C5' CDP J . 1.80 -16.15 8.21
C4' CDP J . 3.28 -16.25 7.83
O4' CDP J . 3.53 -17.17 6.77
C3' CDP J . 3.76 -14.90 7.31
O3' CDP J . 3.95 -13.97 8.38
C2' CDP J . 4.98 -15.29 6.48
O2' CDP J . 6.08 -15.54 7.38
C1' CDP J . 4.54 -16.63 5.90
N1 CDP J . 4.08 -16.67 4.49
C2 CDP J . 4.96 -17.17 3.55
O2 CDP J . 6.16 -17.42 3.87
N3 CDP J . 4.51 -17.41 2.29
C4 CDP J . 3.25 -16.98 1.88
N4 CDP J . 2.89 -17.17 0.63
C5 CDP J . 2.36 -16.42 2.79
C6 CDP J . 2.85 -16.18 4.08
MN MN K . -2.95 -16.87 9.24
S SO4 L . -12.58 -11.13 -5.73
O1 SO4 L . -12.20 -11.78 -6.98
O2 SO4 L . -13.80 -10.33 -5.94
O3 SO4 L . -12.82 -12.01 -4.62
O4 SO4 L . -11.53 -10.11 -5.40
ZN ZN M . 4.18 -7.08 -13.53
#